data_2O1D
#
_entry.id   2O1D
#
_cell.length_a   50.571
_cell.length_b   69.023
_cell.length_c   59.198
_cell.angle_alpha   90.00
_cell.angle_beta   113.64
_cell.angle_gamma   90.00
#
_symmetry.space_group_name_H-M   'P 1 21 1'
#
loop_
_entity.id
_entity.type
_entity.pdbx_description
1 polymer 'Pectate lyase'
2 branched 'alpha-D-galactopyranuronic acid-(1-4)-alpha-D-galactopyranuronic acid-(1-4)-alpha-D-galactopyranuronic acid'
3 non-polymer 'CALCIUM ION'
4 water water
#
_entity_poly.entity_id   1
_entity_poly.type   'polypeptide(L)'
_entity_poly.pdbx_seq_one_letter_code
;ADLGHQTLGSNDGWGAYSTGTTGGSKASSSNVYTVSNRNQLVSALGKETNTTPKIIYIKGTIDMNVDDNLKPLGLNDYKD
PEYDLDKYLKAYDPSTWGKKEPSGTQEEARARSQKNQKARVMVDIPANTTIVGSGTNAKVVGGNFQIKSDNVIIRNIEFQ
DAYDYFPQWDPTDGSSGNWNSQYDNITINGGTHIWIDHCTFNDGSRPDSTSPKYYGRKYQHHDGQTDASNGANYITMSYN
YYHDHDKSSIFGSSDSKTSDDGKLKITLHHNRYKNIVQAAPRVRFGQVHVYNNYYEGSTSSSSYPFSYAWGIGKSSKIYA
QNNVIDVPGLSAAKTISVFSGGTALYDSGTLLNGTQINASAANGLSSSVGWTPSLHGSIDASANVKSNVINQAGAGKLN
;
_entity_poly.pdbx_strand_id   A
#
loop_
_chem_comp.id
_chem_comp.type
_chem_comp.name
_chem_comp.formula
ADA D-saccharide, alpha linking 'alpha-D-galactopyranuronic acid' 'C6 H10 O7'
CA non-polymer 'CALCIUM ION' 'Ca 2'
#
# COMPACT_ATOMS: atom_id res chain seq x y z
N ALA A 1 -22.04 -16.03 -6.40
CA ALA A 1 -20.67 -16.59 -6.56
C ALA A 1 -19.87 -16.38 -5.27
N ASP A 2 -18.92 -17.28 -5.00
CA ASP A 2 -18.02 -17.07 -3.85
C ASP A 2 -16.99 -15.98 -4.16
N LEU A 3 -16.17 -15.62 -3.18
CA LEU A 3 -15.13 -14.60 -3.36
C LEU A 3 -14.14 -14.93 -4.47
N GLY A 4 -13.85 -16.22 -4.64
CA GLY A 4 -12.92 -16.66 -5.68
C GLY A 4 -13.41 -16.39 -7.09
N HIS A 5 -14.73 -16.39 -7.28
CA HIS A 5 -15.30 -16.32 -8.61
C HIS A 5 -15.98 -14.98 -8.90
N GLN A 6 -16.18 -14.17 -7.87
CA GLN A 6 -16.76 -12.82 -8.05
C GLN A 6 -15.86 -11.91 -8.87
N THR A 7 -16.49 -11.02 -9.64
CA THR A 7 -15.75 -10.03 -10.42
C THR A 7 -16.04 -8.65 -9.84
N LEU A 8 -15.21 -7.68 -10.17
CA LEU A 8 -15.47 -6.29 -9.81
C LEU A 8 -16.71 -5.79 -10.53
N GLY A 9 -17.64 -5.18 -9.78
CA GLY A 9 -18.87 -4.61 -10.34
C GLY A 9 -18.61 -3.64 -11.48
N SER A 10 -19.49 -3.62 -12.48
CA SER A 10 -19.26 -2.85 -13.70
C SER A 10 -19.18 -1.33 -13.46
N ASN A 11 -19.65 -0.88 -12.29
CA ASN A 11 -19.62 0.53 -11.92
C ASN A 11 -18.67 0.82 -10.76
N ASP A 12 -17.97 -0.18 -10.30
CA ASP A 12 -17.24 -0.07 -9.03
C ASP A 12 -15.81 0.47 -9.22
N GLY A 13 -15.73 1.79 -9.43
CA GLY A 13 -14.44 2.49 -9.49
C GLY A 13 -13.66 2.31 -10.78
N TRP A 14 -12.47 2.93 -10.83
CA TRP A 14 -11.60 2.91 -12.00
C TRP A 14 -11.22 1.50 -12.48
N GLY A 15 -11.17 0.53 -11.57
CA GLY A 15 -10.91 -0.87 -11.91
C GLY A 15 -11.92 -1.45 -12.90
N ALA A 16 -13.11 -0.87 -12.94
CA ALA A 16 -14.18 -1.32 -13.85
C ALA A 16 -14.07 -0.76 -15.27
N TYR A 17 -13.12 0.16 -15.49
CA TYR A 17 -12.91 0.78 -16.82
C TYR A 17 -12.57 -0.23 -17.92
N SER A 18 -13.02 0.06 -19.13
CA SER A 18 -12.77 -0.74 -20.34
C SER A 18 -13.04 -2.24 -20.14
N THR A 19 -12.00 -3.06 -20.17
CA THR A 19 -12.15 -4.51 -20.05
C THR A 19 -12.54 -4.93 -18.63
N GLY A 20 -12.40 -4.02 -17.67
CA GLY A 20 -12.78 -4.27 -16.29
C GLY A 20 -11.86 -5.26 -15.59
N THR A 21 -12.26 -5.64 -14.38
CA THR A 21 -11.47 -6.53 -13.54
C THR A 21 -12.28 -7.79 -13.21
N THR A 22 -11.93 -8.88 -13.87
CA THR A 22 -12.61 -10.15 -13.67
C THR A 22 -11.66 -11.15 -13.00
N GLY A 23 -10.38 -10.77 -12.94
CA GLY A 23 -9.33 -11.63 -12.39
C GLY A 23 -9.36 -13.02 -13.01
N GLY A 24 -9.42 -14.03 -12.15
CA GLY A 24 -9.43 -15.41 -12.62
C GLY A 24 -10.79 -16.09 -12.54
N SER A 25 -11.87 -15.30 -12.48
CA SER A 25 -13.23 -15.83 -12.38
C SER A 25 -13.55 -16.94 -13.39
N LYS A 26 -12.94 -16.86 -14.57
CA LYS A 26 -13.20 -17.81 -15.66
C LYS A 26 -12.29 -19.04 -15.63
N ALA A 27 -11.57 -19.23 -14.52
CA ALA A 27 -10.64 -20.35 -14.37
C ALA A 27 -11.29 -21.71 -14.63
N SER A 28 -10.63 -22.51 -15.46
CA SER A 28 -10.98 -23.93 -15.58
C SER A 28 -10.51 -24.67 -14.32
N SER A 29 -10.97 -25.90 -14.16
CA SER A 29 -10.83 -26.67 -12.91
C SER A 29 -9.38 -26.92 -12.45
N SER A 30 -8.46 -27.12 -13.40
CA SER A 30 -7.07 -27.38 -13.04
C SER A 30 -6.29 -26.08 -12.73
N ASN A 31 -6.98 -24.95 -12.80
CA ASN A 31 -6.38 -23.65 -12.52
C ASN A 31 -6.97 -23.00 -11.28
N VAL A 32 -7.61 -23.82 -10.44
CA VAL A 32 -8.07 -23.40 -9.14
C VAL A 32 -7.20 -24.07 -8.08
N TYR A 33 -6.56 -23.28 -7.23
CA TYR A 33 -5.62 -23.81 -6.25
C TYR A 33 -6.04 -23.41 -4.85
N THR A 34 -5.66 -24.23 -3.88
CA THR A 34 -5.75 -23.90 -2.46
C THR A 34 -4.34 -24.02 -1.92
N VAL A 35 -3.86 -22.93 -1.31
CA VAL A 35 -2.46 -22.85 -0.90
C VAL A 35 -2.37 -22.48 0.57
N SER A 36 -1.42 -23.11 1.28
CA SER A 36 -1.31 -22.91 2.71
C SER A 36 0.12 -22.66 3.17
N ASN A 37 1.05 -22.59 2.21
CA ASN A 37 2.44 -22.23 2.50
C ASN A 37 3.10 -21.55 1.29
N ARG A 38 4.33 -21.06 1.48
CA ARG A 38 5.03 -20.35 0.42
C ARG A 38 5.27 -21.23 -0.81
N ASN A 39 5.69 -22.48 -0.59
CA ASN A 39 5.89 -23.41 -1.70
C ASN A 39 4.66 -23.58 -2.58
N GLN A 40 3.50 -23.75 -1.93
CA GLN A 40 2.25 -23.94 -2.67
C GLN A 40 1.83 -22.67 -3.38
N LEU A 41 2.00 -21.52 -2.72
CA LEU A 41 1.66 -20.22 -3.34
C LEU A 41 2.51 -19.94 -4.57
N VAL A 42 3.84 -20.10 -4.44
CA VAL A 42 4.76 -19.92 -5.57
C VAL A 42 4.46 -20.87 -6.73
N SER A 43 4.20 -22.15 -6.44
CA SER A 43 3.80 -23.12 -7.48
C SER A 43 2.54 -22.70 -8.22
N ALA A 44 1.52 -22.26 -7.48
CA ALA A 44 0.24 -21.86 -8.06
C ALA A 44 0.39 -20.65 -8.97
N LEU A 45 1.14 -19.65 -8.50
CA LEU A 45 1.35 -18.42 -9.27
C LEU A 45 2.12 -18.69 -10.54
N GLY A 46 3.14 -19.54 -10.46
CA GLY A 46 4.02 -19.84 -11.58
C GLY A 46 4.73 -18.59 -12.03
N LYS A 47 5.02 -18.52 -13.33
CA LYS A 47 5.76 -17.40 -13.90
C LYS A 47 4.83 -16.45 -14.66
N GLU A 48 5.40 -15.42 -15.28
CA GLU A 48 4.62 -14.39 -16.00
C GLU A 48 3.83 -14.97 -17.16
N THR A 49 4.32 -16.11 -17.66
CA THR A 49 3.69 -16.86 -18.75
C THR A 49 2.43 -17.60 -18.31
N ASN A 50 2.18 -17.65 -17.00
CA ASN A 50 1.00 -18.30 -16.43
C ASN A 50 -0.20 -17.34 -16.52
N THR A 51 -0.72 -17.16 -17.73
CA THR A 51 -1.74 -16.14 -18.00
C THR A 51 -3.18 -16.68 -18.07
N THR A 52 -3.36 -18.00 -17.98
CA THR A 52 -4.72 -18.57 -17.90
C THR A 52 -5.43 -17.99 -16.69
N PRO A 53 -6.75 -17.72 -16.81
CA PRO A 53 -7.54 -17.41 -15.63
C PRO A 53 -7.28 -18.43 -14.51
N LYS A 54 -6.94 -17.94 -13.32
CA LYS A 54 -6.65 -18.80 -12.18
C LYS A 54 -7.23 -18.24 -10.90
N ILE A 55 -7.64 -19.14 -10.01
CA ILE A 55 -8.13 -18.75 -8.70
C ILE A 55 -7.25 -19.39 -7.66
N ILE A 56 -6.83 -18.59 -6.69
CA ILE A 56 -6.01 -19.09 -5.60
C ILE A 56 -6.66 -18.76 -4.27
N TYR A 57 -7.00 -19.79 -3.52
CA TYR A 57 -7.53 -19.66 -2.18
C TYR A 57 -6.38 -19.81 -1.19
N ILE A 58 -6.22 -18.83 -0.32
CA ILE A 58 -5.22 -18.89 0.74
C ILE A 58 -5.89 -19.42 2.01
N LYS A 59 -5.32 -20.51 2.52
CA LYS A 59 -5.81 -21.16 3.73
C LYS A 59 -4.82 -20.94 4.88
N GLY A 60 -5.27 -20.20 5.89
CA GLY A 60 -4.44 -19.89 7.05
C GLY A 60 -3.31 -18.90 6.76
N THR A 61 -2.20 -19.07 7.48
CA THR A 61 -1.08 -18.14 7.45
C THR A 61 0.05 -18.62 6.53
N ILE A 62 0.38 -17.77 5.55
CA ILE A 62 1.54 -18.01 4.69
C ILE A 62 2.67 -17.04 5.04
N ASP A 63 3.68 -17.58 5.71
CA ASP A 63 4.89 -16.82 6.02
C ASP A 63 5.83 -16.92 4.82
N MET A 64 6.23 -15.76 4.31
CA MET A 64 7.06 -15.69 3.09
C MET A 64 8.56 -15.73 3.38
N ASN A 65 8.94 -15.48 4.63
CA ASN A 65 10.35 -15.58 5.03
C ASN A 65 10.72 -17.00 5.43
N VAL A 66 10.64 -17.90 4.47
CA VAL A 66 10.93 -19.33 4.71
C VAL A 66 11.74 -19.90 3.54
N ASP A 67 12.55 -20.93 3.82
CA ASP A 67 13.33 -21.62 2.79
C ASP A 67 12.45 -22.65 2.06
N ASP A 68 13.06 -23.45 1.17
CA ASP A 68 12.30 -24.43 0.39
C ASP A 68 11.68 -25.55 1.20
N ASN A 69 12.15 -25.74 2.44
CA ASN A 69 11.55 -26.70 3.36
C ASN A 69 10.68 -26.01 4.41
N LEU A 70 10.34 -24.75 4.15
CA LEU A 70 9.44 -23.96 5.01
C LEU A 70 10.04 -23.62 6.37
N LYS A 71 11.36 -23.72 6.48
CA LYS A 71 12.07 -23.32 7.70
C LYS A 71 12.23 -21.79 7.69
N PRO A 72 11.83 -21.14 8.80
CA PRO A 72 11.91 -19.68 8.90
C PRO A 72 13.32 -19.15 8.63
N LEU A 73 13.39 -18.01 7.94
CA LEU A 73 14.66 -17.36 7.61
C LEU A 73 14.73 -15.97 8.25
N GLY A 74 15.90 -15.62 8.76
CA GLY A 74 16.10 -14.34 9.41
C GLY A 74 17.26 -13.57 8.83
N LEU A 75 17.63 -12.48 9.50
CA LEU A 75 18.71 -11.61 9.05
C LEU A 75 19.97 -12.40 8.68
N ASN A 76 20.44 -13.27 9.57
CA ASN A 76 21.69 -14.02 9.36
C ASN A 76 21.64 -14.99 8.19
N ASP A 77 20.44 -15.46 7.84
CA ASP A 77 20.26 -16.30 6.67
C ASP A 77 20.41 -15.52 5.37
N TYR A 78 19.96 -14.26 5.40
CA TYR A 78 19.94 -13.41 4.21
C TYR A 78 21.26 -12.66 4.02
N LYS A 79 21.93 -12.38 5.13
CA LYS A 79 23.11 -11.52 5.18
C LYS A 79 24.23 -11.97 4.22
N ASP A 80 24.66 -11.05 3.36
CA ASP A 80 25.92 -11.17 2.61
C ASP A 80 27.06 -11.36 3.61
N PRO A 81 28.03 -12.25 3.31
CA PRO A 81 29.18 -12.45 4.20
C PRO A 81 29.90 -11.16 4.63
N GLU A 82 29.86 -10.14 3.77
CA GLU A 82 30.53 -8.85 4.04
C GLU A 82 29.69 -7.83 4.81
N TYR A 83 28.38 -8.09 4.94
CA TYR A 83 27.51 -7.16 5.66
C TYR A 83 27.59 -7.31 7.18
N ASP A 84 27.61 -6.17 7.87
CA ASP A 84 27.56 -6.13 9.33
C ASP A 84 26.90 -4.84 9.76
N LEU A 85 25.80 -4.93 10.51
CA LEU A 85 25.05 -3.74 10.92
C LEU A 85 25.90 -2.72 11.68
N ASP A 86 26.73 -3.18 12.62
CA ASP A 86 27.65 -2.27 13.35
C ASP A 86 28.56 -1.51 12.41
N LYS A 87 29.11 -2.21 11.42
CA LYS A 87 30.04 -1.60 10.48
C LYS A 87 29.33 -0.71 9.45
N TYR A 88 28.10 -1.09 9.08
CA TYR A 88 27.25 -0.23 8.25
C TYR A 88 26.99 1.09 8.96
N LEU A 89 26.58 1.01 10.22
CA LEU A 89 26.27 2.20 11.02
C LEU A 89 27.50 3.11 11.20
N LYS A 90 28.66 2.49 11.43
CA LYS A 90 29.90 3.24 11.62
C LYS A 90 30.38 3.87 10.31
N ALA A 91 30.20 3.17 9.21
CA ALA A 91 30.59 3.67 7.89
C ALA A 91 29.85 4.96 7.53
N TYR A 92 28.54 4.99 7.80
CA TYR A 92 27.68 6.03 7.23
C TYR A 92 27.10 7.03 8.24
N ASP A 93 27.64 6.99 9.46
CA ASP A 93 27.31 7.96 10.50
C ASP A 93 27.55 9.36 9.95
N PRO A 94 26.50 10.22 9.93
CA PRO A 94 26.61 11.61 9.46
C PRO A 94 27.81 12.36 10.04
N SER A 95 28.14 12.04 11.29
CA SER A 95 29.26 12.63 12.01
C SER A 95 30.64 12.42 11.36
N THR A 96 30.81 11.29 10.67
CA THR A 96 32.10 11.00 10.01
C THR A 96 31.96 10.92 8.49
N TRP A 97 30.80 10.48 8.02
CA TRP A 97 30.57 10.25 6.59
C TRP A 97 30.01 11.50 5.91
N GLY A 98 29.37 12.36 6.69
CA GLY A 98 28.70 13.54 6.15
C GLY A 98 27.38 13.17 5.51
N LYS A 99 27.00 13.94 4.50
CA LYS A 99 25.69 13.80 3.86
C LYS A 99 25.76 13.22 2.44
N LYS A 100 26.95 12.78 2.03
CA LYS A 100 27.08 12.08 0.76
C LYS A 100 26.42 10.70 0.82
N GLU A 101 25.97 10.23 -0.34
CA GLU A 101 25.33 8.94 -0.51
C GLU A 101 26.24 7.82 0.02
N PRO A 102 25.70 6.94 0.88
CA PRO A 102 26.43 5.72 1.26
C PRO A 102 26.90 4.96 0.03
N SER A 103 28.20 4.65 0.00
CA SER A 103 28.82 3.87 -1.07
C SER A 103 29.96 3.08 -0.44
N GLY A 104 30.56 2.18 -1.20
CA GLY A 104 31.66 1.38 -0.69
C GLY A 104 31.17 0.07 -0.11
N THR A 105 32.06 -0.59 0.63
CA THR A 105 31.88 -1.99 1.05
C THR A 105 30.56 -2.30 1.75
N GLN A 106 30.24 -1.58 2.83
CA GLN A 106 29.06 -1.92 3.63
C GLN A 106 27.74 -1.72 2.87
N GLU A 107 27.64 -0.63 2.12
CA GLU A 107 26.43 -0.39 1.30
C GLU A 107 26.27 -1.40 0.17
N GLU A 108 27.37 -1.76 -0.49
CA GLU A 108 27.33 -2.82 -1.50
C GLU A 108 26.94 -4.17 -0.89
N ALA A 109 27.45 -4.46 0.32
CA ALA A 109 27.10 -5.69 1.01
C ALA A 109 25.63 -5.68 1.47
N ARG A 110 25.15 -4.53 1.94
CA ARG A 110 23.74 -4.35 2.30
C ARG A 110 22.81 -4.56 1.10
N ALA A 111 23.20 -4.02 -0.05
CA ALA A 111 22.39 -4.14 -1.27
C ALA A 111 22.30 -5.59 -1.74
N ARG A 112 23.41 -6.34 -1.61
CA ARG A 112 23.41 -7.77 -1.92
C ARG A 112 22.53 -8.56 -0.94
N SER A 113 22.63 -8.22 0.33
CA SER A 113 21.81 -8.82 1.40
C SER A 113 20.31 -8.64 1.12
N GLN A 114 19.95 -7.41 0.75
CA GLN A 114 18.57 -7.03 0.43
C GLN A 114 18.00 -7.85 -0.75
N LYS A 115 18.80 -8.05 -1.80
CA LYS A 115 18.42 -8.92 -2.92
C LYS A 115 18.24 -10.39 -2.51
N ASN A 116 19.03 -10.87 -1.55
CA ASN A 116 18.84 -12.21 -0.98
C ASN A 116 17.47 -12.41 -0.34
N GLN A 117 17.01 -11.40 0.41
CA GLN A 117 15.67 -11.48 1.01
C GLN A 117 14.57 -11.31 -0.02
N LYS A 118 14.77 -10.40 -0.97
CA LYS A 118 13.79 -10.11 -2.00
C LYS A 118 13.42 -11.39 -2.74
N ALA A 119 14.41 -12.25 -2.95
CA ALA A 119 14.24 -13.51 -3.66
C ALA A 119 13.21 -14.42 -3.01
N ARG A 120 13.11 -14.34 -1.69
CA ARG A 120 12.11 -15.10 -0.93
C ARG A 120 10.78 -14.37 -0.78
N VAL A 121 10.82 -13.09 -0.39
CA VAL A 121 9.59 -12.38 0.04
C VAL A 121 8.73 -11.80 -1.07
N MET A 122 9.38 -11.44 -2.18
CA MET A 122 8.68 -10.80 -3.28
C MET A 122 8.25 -11.81 -4.32
N VAL A 123 7.01 -11.68 -4.73
CA VAL A 123 6.34 -12.63 -5.59
C VAL A 123 5.52 -11.83 -6.62
N ASP A 124 5.70 -12.15 -7.90
CA ASP A 124 4.93 -11.50 -8.97
C ASP A 124 3.59 -12.20 -9.21
N ILE A 125 2.52 -11.40 -9.36
CA ILE A 125 1.20 -11.96 -9.66
C ILE A 125 0.91 -11.88 -11.16
N PRO A 126 0.72 -13.05 -11.82
CA PRO A 126 0.52 -13.05 -13.26
C PRO A 126 -0.89 -12.57 -13.67
N ALA A 127 -1.06 -12.31 -14.96
CA ALA A 127 -2.32 -11.82 -15.50
C ALA A 127 -3.47 -12.79 -15.21
N ASN A 128 -4.67 -12.23 -15.02
CA ASN A 128 -5.92 -13.01 -14.92
C ASN A 128 -5.95 -13.91 -13.69
N THR A 129 -5.79 -13.29 -12.53
CA THR A 129 -5.60 -14.02 -11.28
C THR A 129 -6.50 -13.45 -10.19
N THR A 130 -7.21 -14.34 -9.51
CA THR A 130 -7.91 -13.97 -8.29
C THR A 130 -7.22 -14.69 -7.15
N ILE A 131 -6.78 -13.93 -6.15
CA ILE A 131 -6.26 -14.50 -4.91
C ILE A 131 -7.17 -14.04 -3.76
N VAL A 132 -7.76 -15.00 -3.06
CA VAL A 132 -8.67 -14.69 -1.98
C VAL A 132 -8.37 -15.51 -0.73
N GLY A 133 -8.67 -14.93 0.42
CA GLY A 133 -8.56 -15.65 1.68
C GLY A 133 -9.78 -16.52 1.91
N SER A 134 -9.55 -17.78 2.27
CA SER A 134 -10.62 -18.64 2.72
C SER A 134 -10.83 -18.38 4.20
N GLY A 135 -12.08 -18.18 4.58
CA GLY A 135 -12.42 -17.97 5.99
C GLY A 135 -12.04 -16.60 6.48
N THR A 136 -11.86 -16.47 7.78
CA THR A 136 -11.64 -15.17 8.39
C THR A 136 -10.21 -14.99 8.86
N ASN A 137 -9.36 -15.99 8.64
CA ASN A 137 -7.98 -15.95 9.15
C ASN A 137 -6.87 -16.13 8.11
N ALA A 138 -7.16 -15.87 6.84
CA ALA A 138 -6.13 -15.97 5.80
C ALA A 138 -5.14 -14.81 5.93
N LYS A 139 -3.85 -15.15 5.94
CA LYS A 139 -2.78 -14.18 6.21
C LYS A 139 -1.56 -14.39 5.32
N VAL A 140 -1.00 -13.28 4.87
CA VAL A 140 0.29 -13.27 4.18
C VAL A 140 1.25 -12.47 5.06
N VAL A 141 2.28 -13.16 5.56
CA VAL A 141 3.19 -12.58 6.55
C VAL A 141 4.59 -12.40 5.95
N GLY A 142 5.08 -11.16 6.00
CA GLY A 142 6.36 -10.79 5.42
C GLY A 142 6.40 -10.66 3.91
N GLY A 143 5.27 -10.98 3.26
CA GLY A 143 5.22 -11.01 1.80
C GLY A 143 5.02 -9.66 1.13
N ASN A 144 5.51 -9.58 -0.11
CA ASN A 144 5.33 -8.45 -1.01
C ASN A 144 4.77 -8.99 -2.33
N PHE A 145 3.47 -8.86 -2.51
CA PHE A 145 2.85 -9.17 -3.81
C PHE A 145 3.20 -8.04 -4.76
N GLN A 146 3.76 -8.37 -5.92
CA GLN A 146 3.94 -7.36 -6.96
C GLN A 146 3.04 -7.63 -8.15
N ILE A 147 2.29 -6.61 -8.57
CA ILE A 147 1.46 -6.75 -9.77
C ILE A 147 1.93 -5.84 -10.89
N LYS A 148 2.52 -6.45 -11.92
CA LYS A 148 2.95 -5.76 -13.13
C LYS A 148 2.00 -6.05 -14.27
N SER A 149 1.09 -7.00 -14.04
CA SER A 149 0.23 -7.56 -15.07
C SER A 149 -1.16 -6.93 -15.08
N ASP A 150 -2.01 -7.41 -15.98
CA ASP A 150 -3.39 -6.94 -16.07
C ASP A 150 -4.35 -7.97 -15.48
N ASN A 151 -5.40 -7.45 -14.84
CA ASN A 151 -6.58 -8.22 -14.45
C ASN A 151 -6.36 -9.11 -13.23
N VAL A 152 -6.24 -8.48 -12.06
CA VAL A 152 -5.92 -9.19 -10.83
C VAL A 152 -6.85 -8.76 -9.69
N ILE A 153 -7.42 -9.73 -8.99
CA ILE A 153 -8.25 -9.47 -7.82
C ILE A 153 -7.58 -10.03 -6.57
N ILE A 154 -7.51 -9.22 -5.52
CA ILE A 154 -6.97 -9.64 -4.22
C ILE A 154 -7.99 -9.30 -3.14
N ARG A 155 -8.47 -10.31 -2.41
CA ARG A 155 -9.54 -10.10 -1.43
C ARG A 155 -9.43 -10.93 -0.16
N ASN A 156 -9.92 -10.36 0.94
CA ASN A 156 -10.14 -11.12 2.19
C ASN A 156 -8.87 -11.74 2.79
N ILE A 157 -7.77 -11.01 2.67
CA ILE A 157 -6.48 -11.44 3.19
C ILE A 157 -5.93 -10.39 4.14
N GLU A 158 -5.38 -10.84 5.26
CA GLU A 158 -4.65 -9.94 6.13
C GLU A 158 -3.15 -9.98 5.80
N PHE A 159 -2.66 -8.87 5.25
CA PHE A 159 -1.24 -8.69 4.97
C PHE A 159 -0.56 -8.06 6.17
N GLN A 160 0.45 -8.76 6.69
CA GLN A 160 1.18 -8.30 7.86
C GLN A 160 2.66 -8.15 7.56
N ASP A 161 3.21 -7.04 8.04
CA ASP A 161 4.65 -6.95 8.31
C ASP A 161 5.55 -7.32 7.12
N ALA A 162 5.42 -6.55 6.03
CA ALA A 162 6.34 -6.67 4.91
C ALA A 162 7.67 -6.03 5.33
N TYR A 163 8.53 -6.87 5.90
CA TYR A 163 9.68 -6.46 6.71
C TYR A 163 11.02 -6.64 5.96
N ASP A 164 11.81 -5.59 5.95
CA ASP A 164 13.10 -5.56 5.28
C ASP A 164 14.19 -5.61 6.35
N TYR A 165 14.97 -6.68 6.32
CA TYR A 165 16.09 -6.83 7.26
C TYR A 165 17.23 -5.85 7.02
N PHE A 166 17.24 -5.20 5.85
CA PHE A 166 18.35 -4.34 5.45
C PHE A 166 17.97 -2.92 5.00
N PRO A 167 17.36 -2.12 5.90
CA PRO A 167 17.04 -0.75 5.55
C PRO A 167 18.28 0.01 5.09
N GLN A 168 18.10 0.88 4.10
CA GLN A 168 19.17 1.69 3.57
C GLN A 168 19.11 3.08 4.18
N TRP A 169 20.26 3.61 4.57
CA TRP A 169 20.36 4.99 5.06
C TRP A 169 20.47 5.97 3.91
N ASP A 170 19.65 7.03 3.97
CA ASP A 170 19.74 8.13 3.04
C ASP A 170 19.86 9.43 3.83
N PRO A 171 21.09 9.99 3.91
CA PRO A 171 21.33 11.20 4.68
C PRO A 171 20.65 12.45 4.13
N THR A 172 20.26 12.42 2.86
CA THR A 172 19.63 13.59 2.25
C THR A 172 18.12 13.40 1.97
N ASP A 173 17.56 12.32 2.50
CA ASP A 173 16.11 12.12 2.48
C ASP A 173 15.51 12.94 3.62
N GLY A 174 15.12 14.17 3.30
CA GLY A 174 14.67 15.10 4.34
C GLY A 174 15.85 15.79 4.99
N SER A 175 15.57 16.77 5.85
CA SER A 175 16.61 17.62 6.45
C SER A 175 17.56 16.91 7.42
N SER A 176 17.13 15.79 8.00
CA SER A 176 17.96 14.99 8.89
C SER A 176 18.10 13.54 8.42
N GLY A 177 17.77 13.29 7.16
CA GLY A 177 17.91 11.96 6.57
C GLY A 177 16.79 11.02 6.99
N ASN A 178 16.77 9.85 6.36
CA ASN A 178 15.77 8.82 6.67
C ASN A 178 16.29 7.47 6.27
N TRP A 179 15.79 6.44 6.95
CA TRP A 179 16.01 5.06 6.55
C TRP A 179 14.87 4.66 5.63
N ASN A 180 15.19 3.95 4.54
CA ASN A 180 14.19 3.48 3.59
C ASN A 180 14.30 1.98 3.35
N SER A 181 13.15 1.32 3.29
CA SER A 181 13.09 -0.12 3.04
C SER A 181 12.32 -0.41 1.76
N GLN A 182 12.36 -1.67 1.33
CA GLN A 182 11.90 -2.01 -0.01
C GLN A 182 10.51 -2.64 -0.15
N TYR A 183 10.03 -3.33 0.89
CA TYR A 183 8.86 -4.20 0.70
C TYR A 183 7.54 -3.57 1.12
N ASP A 184 6.59 -3.58 0.17
CA ASP A 184 5.20 -3.21 0.41
C ASP A 184 4.44 -4.48 0.67
N ASN A 185 3.22 -4.39 1.19
CA ASN A 185 2.35 -5.56 1.20
C ASN A 185 1.96 -5.91 -0.23
N ILE A 186 1.55 -4.89 -0.97
CA ILE A 186 1.23 -4.99 -2.39
C ILE A 186 1.87 -3.84 -3.15
N THR A 187 2.63 -4.17 -4.19
CA THR A 187 3.22 -3.17 -5.07
C THR A 187 2.61 -3.31 -6.45
N ILE A 188 1.93 -2.26 -6.91
CA ILE A 188 1.40 -2.25 -8.26
C ILE A 188 2.40 -1.52 -9.16
N ASN A 189 3.20 -2.30 -9.89
CA ASN A 189 4.29 -1.76 -10.72
C ASN A 189 3.89 -1.82 -12.19
N GLY A 190 3.15 -0.82 -12.64
CA GLY A 190 2.61 -0.80 -13.98
C GLY A 190 1.42 -1.73 -14.20
N GLY A 191 0.95 -2.34 -13.10
CA GLY A 191 -0.23 -3.21 -13.14
C GLY A 191 -1.52 -2.45 -13.47
N THR A 192 -2.47 -3.13 -14.11
CA THR A 192 -3.69 -2.50 -14.61
C THR A 192 -4.89 -3.41 -14.37
N HIS A 193 -6.07 -2.81 -14.21
CA HIS A 193 -7.31 -3.54 -13.89
C HIS A 193 -7.13 -4.43 -12.67
N ILE A 194 -7.12 -3.79 -11.51
CA ILE A 194 -6.82 -4.46 -10.25
C ILE A 194 -7.91 -4.08 -9.24
N TRP A 195 -8.38 -5.07 -8.49
CA TRP A 195 -9.29 -4.87 -7.39
C TRP A 195 -8.64 -5.39 -6.12
N ILE A 196 -8.40 -4.50 -5.18
CA ILE A 196 -7.98 -4.91 -3.84
C ILE A 196 -9.15 -4.60 -2.92
N ASP A 197 -9.77 -5.64 -2.37
CA ASP A 197 -11.01 -5.46 -1.60
C ASP A 197 -11.05 -6.30 -0.33
N HIS A 198 -11.58 -5.72 0.75
CA HIS A 198 -11.73 -6.41 2.03
C HIS A 198 -10.43 -7.08 2.48
N CYS A 199 -9.30 -6.40 2.31
CA CYS A 199 -8.04 -6.87 2.86
C CYS A 199 -7.71 -6.04 4.10
N THR A 200 -6.82 -6.57 4.92
CA THR A 200 -6.29 -5.84 6.04
C THR A 200 -4.78 -5.70 5.84
N PHE A 201 -4.26 -4.52 6.18
CA PHE A 201 -2.84 -4.22 6.03
C PHE A 201 -2.32 -3.64 7.33
N ASN A 202 -1.34 -4.29 7.93
CA ASN A 202 -0.72 -3.82 9.17
C ASN A 202 0.74 -4.25 9.29
N ASP A 203 1.38 -3.85 10.39
CA ASP A 203 2.78 -4.16 10.61
C ASP A 203 3.00 -5.38 11.50
N GLY A 204 1.93 -6.18 11.66
CA GLY A 204 1.96 -7.44 12.39
C GLY A 204 2.52 -7.35 13.80
N SER A 205 3.46 -8.25 14.09
CA SER A 205 4.10 -8.37 15.41
C SER A 205 5.26 -7.41 15.58
N ARG A 206 5.67 -6.77 14.49
CA ARG A 206 6.83 -5.88 14.55
C ARG A 206 6.51 -4.44 14.13
N PRO A 207 5.62 -3.76 14.89
CA PRO A 207 5.33 -2.38 14.51
C PRO A 207 6.56 -1.50 14.68
N ASP A 208 6.51 -0.30 14.12
CA ASP A 208 7.65 0.62 14.13
C ASP A 208 8.10 1.00 15.55
N SER A 209 7.19 0.85 16.52
CA SER A 209 7.50 1.09 17.94
C SER A 209 8.49 0.07 18.53
N THR A 210 8.80 -0.98 17.78
CA THR A 210 9.79 -1.98 18.20
C THR A 210 11.15 -1.81 17.52
N SER A 211 11.26 -0.83 16.62
CA SER A 211 12.55 -0.52 16.00
C SER A 211 13.23 0.65 16.68
N PRO A 212 14.56 0.54 16.88
CA PRO A 212 15.31 1.65 17.45
C PRO A 212 15.47 2.82 16.47
N LYS A 213 15.99 3.94 16.95
CA LYS A 213 16.39 5.04 16.09
C LYS A 213 17.89 4.99 15.94
N TYR A 214 18.36 5.09 14.68
CA TYR A 214 19.76 5.24 14.40
C TYR A 214 19.96 6.56 13.69
N TYR A 215 20.99 7.29 14.12
CA TYR A 215 21.21 8.67 13.68
C TYR A 215 19.99 9.57 13.98
N GLY A 216 19.27 9.24 15.04
CA GLY A 216 18.05 9.98 15.45
C GLY A 216 16.84 9.74 14.58
N ARG A 217 16.91 8.74 13.72
CA ARG A 217 15.85 8.46 12.76
C ARG A 217 15.39 7.02 12.91
N LYS A 218 14.08 6.80 12.85
CA LYS A 218 13.54 5.44 12.97
C LYS A 218 14.20 4.49 11.98
N TYR A 219 14.67 3.36 12.48
CA TYR A 219 15.25 2.30 11.65
C TYR A 219 14.09 1.56 10.98
N GLN A 220 13.65 2.12 9.87
CA GLN A 220 12.39 1.77 9.22
C GLN A 220 12.50 0.50 8.38
N HIS A 221 11.85 -0.57 8.85
CA HIS A 221 11.87 -1.88 8.21
C HIS A 221 10.76 -2.07 7.20
N HIS A 222 9.81 -1.14 7.19
CA HIS A 222 8.66 -1.26 6.31
C HIS A 222 8.66 -0.22 5.20
N ASP A 223 7.84 -0.46 4.19
CA ASP A 223 7.64 0.54 3.18
C ASP A 223 6.14 0.82 3.07
N GLY A 224 5.56 0.56 1.90
CA GLY A 224 4.15 0.86 1.69
C GLY A 224 3.22 -0.28 2.06
N GLN A 225 1.93 0.01 2.01
CA GLN A 225 0.90 -1.00 2.16
C GLN A 225 0.37 -1.36 0.79
N THR A 226 -0.24 -0.38 0.12
CA THR A 226 -0.62 -0.54 -1.28
C THR A 226 -0.06 0.62 -2.08
N ASP A 227 1.09 0.40 -2.71
CA ASP A 227 1.72 1.41 -3.56
C ASP A 227 1.39 1.16 -5.03
N ALA A 228 1.40 2.22 -5.84
CA ALA A 228 1.14 2.12 -7.26
C ALA A 228 2.10 3.02 -8.03
N SER A 229 2.79 2.42 -9.00
CA SER A 229 3.91 3.06 -9.71
C SER A 229 3.92 2.77 -11.20
N ASN A 230 4.72 3.55 -11.93
CA ASN A 230 5.12 3.25 -13.30
C ASN A 230 3.95 2.96 -14.24
N GLY A 231 3.02 3.90 -14.31
CA GLY A 231 1.90 3.80 -15.23
C GLY A 231 0.79 2.85 -14.80
N ALA A 232 0.81 2.44 -13.53
CA ALA A 232 -0.30 1.67 -12.96
C ALA A 232 -1.62 2.40 -13.23
N ASN A 233 -2.67 1.65 -13.56
CA ASN A 233 -3.89 2.27 -14.07
C ASN A 233 -5.11 1.37 -13.89
N TYR A 234 -6.27 1.99 -13.66
CA TYR A 234 -7.56 1.29 -13.58
C TYR A 234 -7.60 0.34 -12.39
N ILE A 235 -7.70 0.92 -11.20
CA ILE A 235 -7.54 0.18 -9.96
C ILE A 235 -8.65 0.62 -9.02
N THR A 236 -9.29 -0.36 -8.38
CA THR A 236 -10.22 -0.07 -7.29
C THR A 236 -9.68 -0.71 -6.03
N MET A 237 -9.58 0.07 -4.97
CA MET A 237 -9.28 -0.47 -3.63
C MET A 237 -10.43 -0.11 -2.72
N SER A 238 -11.16 -1.12 -2.27
CA SER A 238 -12.38 -0.88 -1.48
C SER A 238 -12.40 -1.71 -0.21
N TYR A 239 -13.05 -1.17 0.83
CA TYR A 239 -13.29 -1.90 2.08
C TYR A 239 -12.05 -2.55 2.68
N ASN A 240 -10.90 -1.92 2.53
CA ASN A 240 -9.68 -2.42 3.16
C ASN A 240 -9.44 -1.72 4.49
N TYR A 241 -8.83 -2.44 5.43
CA TYR A 241 -8.50 -1.90 6.73
C TYR A 241 -6.98 -1.75 6.85
N TYR A 242 -6.54 -0.50 6.73
CA TYR A 242 -5.13 -0.13 6.89
C TYR A 242 -4.95 0.35 8.32
N HIS A 243 -4.06 -0.30 9.07
CA HIS A 243 -3.80 0.15 10.45
C HIS A 243 -2.39 -0.07 10.93
N ASP A 244 -1.97 0.80 11.85
CA ASP A 244 -0.69 0.68 12.54
C ASP A 244 0.46 0.54 11.57
N HIS A 245 0.69 1.62 10.81
CA HIS A 245 1.68 1.65 9.74
C HIS A 245 2.02 3.10 9.39
N ASP A 246 3.23 3.32 8.91
CA ASP A 246 3.71 4.66 8.58
C ASP A 246 3.21 5.15 7.21
N LYS A 247 3.88 4.73 6.13
CA LYS A 247 3.57 5.24 4.79
C LYS A 247 2.65 4.25 4.08
N SER A 248 1.37 4.62 3.96
CA SER A 248 0.36 3.66 3.49
C SER A 248 0.33 3.44 1.97
N SER A 249 0.04 4.49 1.23
CA SER A 249 -0.32 4.36 -0.18
C SER A 249 0.27 5.48 -1.01
N ILE A 250 1.39 5.20 -1.65
CA ILE A 250 2.02 6.18 -2.53
C ILE A 250 1.71 5.84 -3.99
N PHE A 251 0.94 6.71 -4.63
CA PHE A 251 0.54 6.51 -6.04
C PHE A 251 1.32 7.48 -6.92
N GLY A 252 2.25 6.95 -7.70
CA GLY A 252 3.19 7.77 -8.45
C GLY A 252 4.43 7.97 -7.60
N SER A 253 5.53 7.36 -8.04
CA SER A 253 6.73 7.29 -7.20
C SER A 253 7.77 8.39 -7.44
N SER A 254 7.53 9.26 -8.41
CA SER A 254 8.52 10.27 -8.81
C SER A 254 7.94 11.44 -9.58
N ASP A 255 8.35 12.66 -9.19
CA ASP A 255 8.00 13.88 -9.93
C ASP A 255 8.51 13.86 -11.38
N SER A 256 9.60 13.13 -11.62
CA SER A 256 10.21 13.02 -12.95
C SER A 256 9.44 12.09 -13.88
N LYS A 257 8.59 11.24 -13.29
CA LYS A 257 7.88 10.23 -14.06
C LYS A 257 6.60 10.81 -14.67
N THR A 258 6.80 11.71 -15.63
CA THR A 258 5.73 12.47 -16.25
C THR A 258 4.84 11.57 -17.11
N SER A 259 5.36 10.41 -17.48
CA SER A 259 4.56 9.37 -18.15
C SER A 259 3.41 8.82 -17.30
N ASP A 260 3.45 9.07 -15.99
CA ASP A 260 2.31 8.76 -15.10
C ASP A 260 1.11 9.68 -15.33
N ASP A 261 1.34 10.81 -15.99
CA ASP A 261 0.25 11.73 -16.32
C ASP A 261 -0.77 11.02 -17.22
N GLY A 262 -2.04 11.16 -16.88
CA GLY A 262 -3.12 10.45 -17.58
C GLY A 262 -3.31 9.02 -17.10
N LYS A 263 -2.43 8.58 -16.22
CA LYS A 263 -2.52 7.24 -15.62
C LYS A 263 -2.77 7.34 -14.11
N LEU A 264 -2.49 6.26 -13.37
CA LEU A 264 -2.75 6.20 -11.92
C LEU A 264 -4.22 6.51 -11.60
N LYS A 265 -5.10 5.99 -12.46
CA LYS A 265 -6.53 6.16 -12.30
C LYS A 265 -6.95 5.10 -11.28
N ILE A 266 -7.20 5.58 -10.07
CA ILE A 266 -7.43 4.72 -8.91
C ILE A 266 -8.66 5.21 -8.15
N THR A 267 -9.50 4.28 -7.74
CA THR A 267 -10.61 4.59 -6.83
C THR A 267 -10.39 3.95 -5.46
N LEU A 268 -10.41 4.79 -4.43
CA LEU A 268 -10.35 4.35 -3.05
C LEU A 268 -11.70 4.64 -2.39
N HIS A 269 -12.42 3.59 -1.99
CA HIS A 269 -13.65 3.79 -1.23
C HIS A 269 -13.88 2.81 -0.09
N HIS A 270 -14.52 3.33 0.96
CA HIS A 270 -14.88 2.55 2.15
C HIS A 270 -13.68 1.88 2.85
N ASN A 271 -12.51 2.49 2.68
CA ASN A 271 -11.32 2.05 3.40
C ASN A 271 -11.21 2.72 4.76
N ARG A 272 -10.63 1.99 5.70
CA ARG A 272 -10.36 2.48 7.03
C ARG A 272 -8.87 2.66 7.22
N TYR A 273 -8.48 3.84 7.69
CA TYR A 273 -7.07 4.11 7.99
C TYR A 273 -6.96 4.49 9.46
N LYS A 274 -6.54 3.53 10.28
CA LYS A 274 -6.41 3.76 11.71
C LYS A 274 -4.94 3.72 12.14
N ASN A 275 -4.49 4.77 12.84
CA ASN A 275 -3.09 4.90 13.24
C ASN A 275 -2.16 4.72 12.03
N ILE A 276 -2.47 5.43 10.97
CA ILE A 276 -1.62 5.52 9.80
C ILE A 276 -0.99 6.91 9.85
N VAL A 277 0.32 6.96 9.65
CA VAL A 277 1.03 8.23 9.74
C VAL A 277 0.74 9.15 8.54
N GLN A 278 0.90 8.63 7.32
CA GLN A 278 0.90 9.47 6.13
C GLN A 278 0.59 8.71 4.85
N ALA A 279 0.36 9.47 3.77
CA ALA A 279 0.18 8.97 2.42
C ALA A 279 -1.04 8.05 2.31
N ALA A 280 -2.22 8.63 2.54
CA ALA A 280 -3.45 7.86 2.57
C ALA A 280 -4.56 8.43 1.66
N PRO A 281 -4.28 8.62 0.35
CA PRO A 281 -3.03 8.36 -0.38
C PRO A 281 -2.17 9.60 -0.62
N ARG A 282 -0.92 9.39 -1.00
CA ARG A 282 -0.08 10.45 -1.56
C ARG A 282 -0.09 10.29 -3.08
N VAL A 283 -0.54 11.31 -3.79
CA VAL A 283 -0.74 11.19 -5.23
C VAL A 283 0.15 12.14 -6.01
N ARG A 284 0.80 11.61 -7.05
CA ARG A 284 1.34 12.42 -8.15
C ARG A 284 0.52 12.11 -9.40
N PHE A 285 0.20 13.15 -10.17
CA PHE A 285 -0.36 13.01 -11.54
C PHE A 285 -1.79 12.48 -11.70
N GLY A 286 -2.15 11.49 -10.88
CA GLY A 286 -3.32 10.65 -11.14
C GLY A 286 -4.68 11.23 -10.83
N GLN A 287 -5.67 10.83 -11.62
CA GLN A 287 -7.08 11.11 -11.32
C GLN A 287 -7.55 10.06 -10.32
N VAL A 288 -7.48 10.42 -9.04
CA VAL A 288 -7.80 9.50 -7.96
C VAL A 288 -9.10 9.90 -7.26
N HIS A 289 -10.10 9.02 -7.32
CA HIS A 289 -11.37 9.21 -6.64
C HIS A 289 -11.26 8.63 -5.25
N VAL A 290 -11.46 9.48 -4.24
CA VAL A 290 -11.36 9.08 -2.83
C VAL A 290 -12.72 9.35 -2.18
N TYR A 291 -13.50 8.32 -1.90
CA TYR A 291 -14.83 8.56 -1.29
C TYR A 291 -15.22 7.60 -0.18
N ASN A 292 -16.01 8.09 0.77
CA ASN A 292 -16.50 7.28 1.90
C ASN A 292 -15.40 6.51 2.65
N ASN A 293 -14.23 7.14 2.81
CA ASN A 293 -13.15 6.56 3.60
C ASN A 293 -13.18 7.16 4.99
N TYR A 294 -12.74 6.39 5.98
CA TYR A 294 -12.72 6.85 7.35
C TYR A 294 -11.29 6.83 7.86
N TYR A 295 -10.86 7.98 8.38
CA TYR A 295 -9.49 8.16 8.88
C TYR A 295 -9.56 8.47 10.37
N GLU A 296 -8.77 7.75 11.16
CA GLU A 296 -8.78 7.93 12.62
C GLU A 296 -7.38 7.75 13.18
N GLY A 297 -6.97 8.70 14.01
CA GLY A 297 -5.63 8.65 14.60
C GLY A 297 -5.39 9.79 15.56
N SER A 298 -4.14 9.95 15.95
CA SER A 298 -3.77 10.96 16.92
C SER A 298 -2.44 11.55 16.51
N THR A 299 -2.33 12.87 16.57
CA THR A 299 -1.08 13.56 16.30
C THR A 299 -0.06 13.33 17.42
N SER A 300 -0.53 12.93 18.60
CA SER A 300 0.33 12.77 19.77
C SER A 300 0.66 11.30 20.07
N SER A 301 0.25 10.41 19.17
CA SER A 301 0.49 8.97 19.30
C SER A 301 1.99 8.68 19.34
N SER A 302 2.39 7.80 20.24
CA SER A 302 3.81 7.49 20.38
C SER A 302 4.25 6.42 19.37
N SER A 303 3.31 5.66 18.84
CA SER A 303 3.65 4.60 17.88
C SER A 303 3.53 5.04 16.41
N TYR A 304 2.35 5.52 16.04
CA TYR A 304 2.08 5.93 14.67
C TYR A 304 1.29 7.24 14.63
N PRO A 305 1.98 8.37 14.88
CA PRO A 305 1.29 9.65 14.96
C PRO A 305 0.84 10.18 13.59
N PHE A 306 -0.42 10.61 13.52
CA PHE A 306 -1.00 11.17 12.29
C PHE A 306 -0.22 12.40 11.82
N SER A 307 0.20 12.37 10.55
CA SER A 307 0.85 13.52 9.93
C SER A 307 -0.10 14.18 8.94
N TYR A 308 -0.59 13.41 7.97
CA TYR A 308 -1.59 13.88 7.02
C TYR A 308 -2.38 12.72 6.42
N ALA A 309 -3.56 13.01 5.87
CA ALA A 309 -4.35 12.02 5.15
C ALA A 309 -4.00 12.01 3.66
N TRP A 310 -4.38 13.07 2.94
CA TRP A 310 -4.15 13.14 1.49
C TRP A 310 -2.90 13.94 1.12
N GLY A 311 -2.08 13.33 0.27
CA GLY A 311 -0.87 13.99 -0.24
C GLY A 311 -1.15 14.57 -1.61
N ILE A 312 -1.23 15.90 -1.68
CA ILE A 312 -1.43 16.62 -2.93
C ILE A 312 -0.06 16.83 -3.58
N GLY A 313 0.39 15.81 -4.29
CA GLY A 313 1.70 15.83 -4.93
C GLY A 313 1.62 16.42 -6.32
N LYS A 314 2.75 16.40 -7.01
CA LYS A 314 2.87 17.04 -8.32
C LYS A 314 1.80 16.61 -9.32
N SER A 315 1.02 17.60 -9.76
CA SER A 315 0.00 17.44 -10.79
C SER A 315 -1.14 16.48 -10.42
N SER A 316 -1.32 16.22 -9.11
CA SER A 316 -2.33 15.29 -8.65
C SER A 316 -3.75 15.82 -8.90
N LYS A 317 -4.69 14.90 -9.11
CA LYS A 317 -6.05 15.28 -9.44
C LYS A 317 -7.06 14.52 -8.57
N ILE A 318 -6.88 14.65 -7.26
CA ILE A 318 -7.72 13.97 -6.28
C ILE A 318 -9.15 14.54 -6.27
N TYR A 319 -10.12 13.62 -6.35
CA TYR A 319 -11.53 13.98 -6.32
C TYR A 319 -12.07 13.28 -5.07
N ALA A 320 -12.29 14.06 -4.01
CA ALA A 320 -12.68 13.51 -2.72
C ALA A 320 -14.14 13.81 -2.36
N GLN A 321 -14.88 12.79 -1.95
CA GLN A 321 -16.30 12.96 -1.59
C GLN A 321 -16.66 12.25 -0.29
N ASN A 322 -17.25 12.99 0.64
CA ASN A 322 -17.83 12.38 1.86
C ASN A 322 -16.87 11.45 2.60
N ASN A 323 -15.67 11.94 2.84
CA ASN A 323 -14.69 11.25 3.67
C ASN A 323 -14.75 11.84 5.08
N VAL A 324 -14.44 11.00 6.06
CA VAL A 324 -14.57 11.39 7.46
C VAL A 324 -13.23 11.20 8.16
N ILE A 325 -12.72 12.28 8.73
CA ILE A 325 -11.43 12.26 9.42
C ILE A 325 -11.65 12.56 10.91
N ASP A 326 -11.17 11.67 11.76
CA ASP A 326 -11.27 11.83 13.22
C ASP A 326 -9.87 11.87 13.82
N VAL A 327 -9.33 13.10 13.94
CA VAL A 327 -8.02 13.32 14.55
C VAL A 327 -8.16 14.55 15.47
N PRO A 328 -8.21 14.32 16.80
CA PRO A 328 -8.41 15.42 17.75
C PRO A 328 -7.40 16.56 17.56
N GLY A 329 -7.90 17.79 17.59
CA GLY A 329 -7.05 18.99 17.52
C GLY A 329 -6.55 19.36 16.14
N LEU A 330 -6.77 18.51 15.14
CA LEU A 330 -6.29 18.77 13.79
C LEU A 330 -7.10 19.91 13.17
N SER A 331 -6.38 20.81 12.49
CA SER A 331 -7.02 21.87 11.71
C SER A 331 -7.47 21.35 10.35
N ALA A 332 -8.45 22.03 9.76
CA ALA A 332 -8.92 21.73 8.41
C ALA A 332 -7.77 21.66 7.41
N ALA A 333 -6.85 22.63 7.49
CA ALA A 333 -5.72 22.72 6.57
C ALA A 333 -4.81 21.49 6.66
N LYS A 334 -4.58 21.02 7.89
CA LYS A 334 -3.61 19.98 8.15
C LYS A 334 -4.08 18.54 7.87
N THR A 335 -5.32 18.40 7.38
CA THR A 335 -5.83 17.12 6.92
C THR A 335 -5.03 16.61 5.72
N ILE A 336 -4.40 17.54 5.01
CA ILE A 336 -3.67 17.23 3.77
C ILE A 336 -2.25 17.80 3.82
N SER A 337 -1.39 17.30 2.95
CA SER A 337 -0.08 17.89 2.76
C SER A 337 0.09 18.22 1.27
N VAL A 338 0.46 19.47 0.99
CA VAL A 338 0.61 19.93 -0.39
C VAL A 338 2.10 19.99 -0.74
N PHE A 339 2.46 19.30 -1.81
CA PHE A 339 3.83 19.24 -2.28
C PHE A 339 3.95 20.12 -3.51
N SER A 340 5.17 20.51 -3.85
CA SER A 340 5.41 21.35 -5.02
C SER A 340 4.86 20.69 -6.28
N GLY A 341 4.18 21.48 -7.10
CA GLY A 341 3.52 20.95 -8.28
C GLY A 341 2.05 20.58 -8.02
N GLY A 342 1.65 20.55 -6.75
CA GLY A 342 0.26 20.22 -6.38
C GLY A 342 -0.52 21.49 -6.15
N THR A 343 -1.56 21.72 -6.96
CA THR A 343 -2.29 23.01 -6.95
C THR A 343 -3.81 22.89 -6.87
N ALA A 344 -4.31 21.66 -6.94
CA ALA A 344 -5.75 21.42 -7.05
C ALA A 344 -6.24 20.21 -6.26
N LEU A 345 -7.44 20.35 -5.72
CA LEU A 345 -8.11 19.30 -4.97
C LEU A 345 -9.59 19.57 -4.97
N TYR A 346 -10.37 18.60 -5.47
CA TYR A 346 -11.82 18.64 -5.28
C TYR A 346 -12.12 17.85 -4.02
N ASP A 347 -12.75 18.49 -3.04
CA ASP A 347 -13.30 17.75 -1.89
C ASP A 347 -14.67 18.31 -1.46
N SER A 348 -15.65 17.42 -1.37
CA SER A 348 -16.96 17.81 -0.83
C SER A 348 -17.37 16.86 0.29
N GLY A 349 -18.11 17.38 1.26
CA GLY A 349 -18.62 16.59 2.38
C GLY A 349 -17.57 16.08 3.35
N THR A 350 -16.37 16.66 3.33
CA THR A 350 -15.31 16.24 4.24
C THR A 350 -15.73 16.62 5.66
N LEU A 351 -15.72 15.63 6.54
CA LEU A 351 -16.05 15.84 7.95
C LEU A 351 -14.78 15.70 8.76
N LEU A 352 -14.42 16.74 9.50
CA LEU A 352 -13.28 16.67 10.39
C LEU A 352 -13.78 16.84 11.80
N ASN A 353 -13.62 15.81 12.61
CA ASN A 353 -14.07 15.81 14.01
C ASN A 353 -15.54 16.23 14.15
N GLY A 354 -16.37 15.75 13.22
CA GLY A 354 -17.81 15.98 13.24
C GLY A 354 -18.26 17.27 12.58
N THR A 355 -17.30 18.06 12.08
CA THR A 355 -17.59 19.36 11.47
C THR A 355 -17.26 19.36 9.98
N GLN A 356 -18.20 19.85 9.18
CA GLN A 356 -18.03 19.93 7.73
C GLN A 356 -16.93 20.94 7.40
N ILE A 357 -15.91 20.51 6.66
CA ILE A 357 -14.79 21.39 6.27
C ILE A 357 -14.56 21.38 4.76
N ASN A 358 -13.74 22.32 4.30
CA ASN A 358 -13.30 22.42 2.92
C ASN A 358 -11.76 22.36 2.91
N ALA A 359 -11.21 21.16 2.79
CA ALA A 359 -9.75 20.94 2.85
C ALA A 359 -9.01 21.70 1.74
N SER A 360 -9.61 21.72 0.56
CA SER A 360 -9.05 22.39 -0.61
C SER A 360 -8.93 23.92 -0.40
N ALA A 361 -10.04 24.55 0.00
CA ALA A 361 -10.08 25.99 0.28
C ALA A 361 -9.15 26.38 1.43
N ALA A 362 -9.10 25.52 2.45
CA ALA A 362 -8.24 25.72 3.62
C ALA A 362 -6.76 25.74 3.26
N ASN A 363 -6.44 25.21 2.08
CA ASN A 363 -5.05 25.16 1.59
C ASN A 363 -4.80 26.03 0.35
N GLY A 364 -5.76 26.86 0.00
CA GLY A 364 -5.63 27.77 -1.15
C GLY A 364 -5.52 27.06 -2.49
N LEU A 365 -5.95 25.79 -2.53
CA LEU A 365 -5.91 25.01 -3.75
C LEU A 365 -7.10 25.33 -4.65
N SER A 366 -6.94 25.10 -5.95
CA SER A 366 -8.05 25.18 -6.90
C SER A 366 -9.06 24.07 -6.57
N SER A 367 -10.35 24.35 -6.75
CA SER A 367 -11.39 23.37 -6.46
C SER A 367 -11.72 22.43 -7.63
N SER A 368 -11.17 22.71 -8.81
CA SER A 368 -11.37 21.85 -9.97
C SER A 368 -10.14 21.00 -10.25
N VAL A 369 -10.35 19.71 -10.45
CA VAL A 369 -9.28 18.79 -10.86
C VAL A 369 -9.47 18.29 -12.31
N GLY A 370 -10.41 18.92 -13.01
CA GLY A 370 -10.58 18.67 -14.45
C GLY A 370 -11.28 17.38 -14.83
N TRP A 371 -11.92 16.73 -13.86
CA TRP A 371 -12.66 15.49 -14.11
C TRP A 371 -13.73 15.26 -13.05
N THR A 372 -14.68 14.39 -13.38
CA THR A 372 -15.67 13.94 -12.42
C THR A 372 -15.83 12.44 -12.64
N PRO A 373 -15.74 11.64 -11.56
CA PRO A 373 -15.79 10.18 -11.68
C PRO A 373 -17.18 9.71 -12.11
N SER A 374 -17.23 8.87 -13.12
CA SER A 374 -18.49 8.28 -13.57
C SER A 374 -18.68 6.87 -13.06
N LEU A 375 -17.56 6.19 -12.77
CA LEU A 375 -17.59 4.83 -12.26
C LEU A 375 -17.51 4.80 -10.74
N HIS A 376 -18.67 4.72 -10.09
CA HIS A 376 -18.77 4.55 -8.64
C HIS A 376 -20.13 3.99 -8.26
N GLY A 377 -20.16 3.22 -7.18
CA GLY A 377 -21.42 2.77 -6.58
C GLY A 377 -22.05 3.90 -5.76
N SER A 378 -23.02 3.53 -4.92
CA SER A 378 -23.72 4.48 -4.04
C SER A 378 -22.76 5.22 -3.14
N ILE A 379 -23.02 6.52 -2.97
CA ILE A 379 -22.24 7.35 -2.07
C ILE A 379 -22.97 7.54 -0.75
N ASP A 380 -22.33 7.09 0.33
CA ASP A 380 -22.88 7.23 1.67
C ASP A 380 -22.86 8.70 2.06
N ALA A 381 -23.89 9.15 2.78
CA ALA A 381 -23.81 10.40 3.50
C ALA A 381 -22.61 10.32 4.43
N SER A 382 -21.85 11.42 4.53
CA SER A 382 -20.73 11.48 5.48
C SER A 382 -21.12 11.02 6.88
N ALA A 383 -22.35 11.33 7.27
CA ALA A 383 -22.89 10.98 8.60
C ALA A 383 -22.82 9.49 8.90
N ASN A 384 -22.79 8.66 7.84
CA ASN A 384 -22.81 7.20 7.99
C ASN A 384 -21.50 6.51 7.69
N VAL A 385 -20.50 7.24 7.23
CA VAL A 385 -19.23 6.67 6.80
C VAL A 385 -18.46 5.97 7.93
N LYS A 386 -18.36 6.61 9.10
CA LYS A 386 -17.65 6.00 10.22
C LYS A 386 -18.22 4.61 10.58
N SER A 387 -19.54 4.53 10.81
CA SER A 387 -20.18 3.25 11.15
C SER A 387 -20.05 2.21 10.06
N ASN A 388 -20.34 2.61 8.82
CA ASN A 388 -20.26 1.71 7.68
C ASN A 388 -18.85 1.13 7.52
N VAL A 389 -17.84 1.99 7.61
CA VAL A 389 -16.45 1.57 7.37
C VAL A 389 -15.89 0.69 8.50
N ILE A 390 -16.08 1.11 9.75
CA ILE A 390 -15.67 0.30 10.91
C ILE A 390 -16.32 -1.08 10.84
N ASN A 391 -17.63 -1.13 10.58
CA ASN A 391 -18.37 -2.38 10.51
C ASN A 391 -17.98 -3.31 9.35
N GLN A 392 -17.55 -2.72 8.23
CA GLN A 392 -17.43 -3.48 6.97
C GLN A 392 -16.02 -3.65 6.41
N ALA A 393 -15.09 -2.75 6.73
CA ALA A 393 -13.77 -2.76 6.10
C ALA A 393 -12.86 -3.82 6.71
N GLY A 394 -12.11 -4.50 5.85
CA GLY A 394 -11.05 -5.39 6.29
C GLY A 394 -11.30 -6.86 6.01
N ALA A 395 -10.25 -7.65 6.21
CA ALA A 395 -10.33 -9.10 6.04
C ALA A 395 -11.20 -9.70 7.15
N GLY A 396 -11.85 -10.83 6.85
CA GLY A 396 -12.67 -11.52 7.84
C GLY A 396 -14.03 -10.90 8.12
N LYS A 397 -14.43 -9.91 7.34
CA LYS A 397 -15.76 -9.29 7.44
C LYS A 397 -16.71 -9.99 6.50
N LEU A 398 -16.12 -10.60 5.47
CA LEU A 398 -16.72 -11.64 4.66
C LEU A 398 -15.80 -12.86 4.85
N ASN A 399 -16.27 -14.05 4.48
CA ASN A 399 -15.36 -15.20 4.33
C ASN A 399 -15.73 -16.17 3.20
C1 ADA B . 7.98 11.65 4.03
C2 ADA B . 9.23 10.84 3.70
C3 ADA B . 10.09 11.56 2.68
C4 ADA B . 9.29 12.04 1.46
C5 ADA B . 7.98 12.75 1.85
C6 ADA B . 7.11 12.88 0.65
O1 ADA B . 8.40 12.85 4.70
O2 ADA B . 9.99 10.68 4.88
O3 ADA B . 11.17 10.68 2.33
O4 ADA B . 8.93 10.93 0.63
O5 ADA B . 7.27 11.96 2.83
O6B ADA B . 7.59 13.39 -0.39
O6A ADA B . 5.94 12.44 0.70
C1 ADA B . 9.78 10.34 -0.37
C2 ADA B . 9.21 10.35 -1.79
C3 ADA B . 8.01 9.40 -1.89
C4 ADA B . 8.40 8.03 -1.36
C5 ADA B . 8.86 8.17 0.10
C6 ADA B . 9.07 6.87 0.83
O2 ADA B . 8.83 11.69 -2.11
O3 ADA B . 7.60 9.29 -3.25
O4 ADA B . 9.45 7.56 -2.22
O5 ADA B . 10.04 9.00 0.10
O6B ADA B . 8.32 5.91 0.59
O6A ADA B . 9.99 6.79 1.68
C1 ADA B . 10.23 6.35 -2.15
C2 ADA B . 11.44 6.17 -3.06
C3 ADA B . 10.92 6.01 -4.50
C4 ADA B . 9.93 4.84 -4.59
C5 ADA B . 8.77 5.09 -3.62
C6 ADA B . 7.83 3.93 -3.57
O2 ADA B . 12.26 7.33 -2.92
O3 ADA B . 12.03 5.81 -5.38
O4 ADA B . 10.55 3.59 -4.25
O5 ADA B . 9.29 5.27 -2.29
O6B ADA B . 7.09 3.72 -4.57
O6A ADA B . 7.80 3.23 -2.54
CA CA C . 6.84 0.82 -2.20
CA CA D . 11.78 8.27 1.89
CA CA E . 8.75 3.73 -0.48
#